data_3U3Z
#
_entry.id   3U3Z
#
_cell.length_a   37.689
_cell.length_b   46.537
_cell.length_c   55.778
_cell.angle_alpha   90.00
_cell.angle_beta   97.07
_cell.angle_gamma   90.00
#
_symmetry.space_group_name_H-M   'P 1 21 1'
#
loop_
_entity.id
_entity.type
_entity.pdbx_description
1 polymer Microcephalin
2 polymer 'Histone H2A.X peptide'
3 non-polymer GLYCEROL
4 water water
#
loop_
_entity_poly.entity_id
_entity_poly.type
_entity_poly.pdbx_seq_one_letter_code
_entity_poly.pdbx_strand_id
1 'polypeptide(L)'
;GHMSGRGKKPTRTLVMTSMPSEKQNVVIQVVDKLKGFSIAPDVCETTTHVLSGKPLRTLNVLLGIARGCWVLSYDWVLWS
LELGHWISEEPFELSHHFPAAPLCRSECHLSAGPYRGTLFADQPVMFVSPASSPPVAKLCELVHLCGGRVSQVPRQASIV
IGPYSGKKKATVKYLSEKWVLDSITQHKVCAPENYLLSQ
;
A
2 'polypeptide(L)' (SEP)QE(PTR) B
#
# COMPACT_ATOMS: atom_id res chain seq x y z
N PRO A 10 2.47 18.83 8.02
CA PRO A 10 1.53 18.55 9.10
C PRO A 10 2.08 17.52 10.09
N THR A 11 1.27 17.14 11.07
CA THR A 11 1.60 16.04 11.96
C THR A 11 1.52 14.74 11.15
N ARG A 12 2.38 13.78 11.47
CA ARG A 12 2.31 12.50 10.79
C ARG A 12 0.94 11.89 11.06
N THR A 13 0.45 11.08 10.13
CA THR A 13 -0.82 10.41 10.33
C THR A 13 -0.64 8.91 10.49
N LEU A 14 -1.59 8.32 11.18
CA LEU A 14 -1.70 6.90 11.40
C LEU A 14 -3.03 6.46 10.80
N VAL A 15 -3.01 5.34 10.10
CA VAL A 15 -4.22 4.82 9.46
C VAL A 15 -4.51 3.41 9.95
N MET A 16 -5.75 3.17 10.36
CA MET A 16 -6.18 1.83 10.76
C MET A 16 -6.81 1.10 9.58
N THR A 17 -6.58 -0.20 9.54
CA THR A 17 -7.14 -1.05 8.49
C THR A 17 -7.49 -2.42 9.10
N SER A 18 -8.54 -3.06 8.57
CA SER A 18 -9.00 -4.35 9.08
C SER A 18 -9.11 -4.33 10.60
N MET A 19 -9.66 -3.25 11.13
CA MET A 19 -9.65 -3.01 12.56
C MET A 19 -11.07 -3.07 13.13
N PRO A 20 -11.36 -4.08 13.95
CA PRO A 20 -12.71 -4.16 14.51
C PRO A 20 -13.01 -2.99 15.44
N SER A 21 -14.29 -2.73 15.68
CA SER A 21 -14.71 -1.55 16.42
CA SER A 21 -14.74 -1.57 16.44
C SER A 21 -14.04 -1.39 17.78
N GLU A 22 -13.97 -2.47 18.56
CA GLU A 22 -13.35 -2.42 19.89
CA GLU A 22 -13.36 -2.39 19.89
C GLU A 22 -11.89 -1.99 19.81
N LYS A 23 -11.17 -2.54 18.85
CA LYS A 23 -9.77 -2.21 18.68
C LYS A 23 -9.57 -0.77 18.19
N GLN A 24 -10.44 -0.31 17.30
CA GLN A 24 -10.40 1.08 16.86
C GLN A 24 -10.50 2.01 18.06
N ASN A 25 -11.43 1.70 18.97
CA ASN A 25 -11.62 2.53 20.16
C ASN A 25 -10.31 2.65 20.94
N VAL A 26 -9.65 1.52 21.16
CA VAL A 26 -8.40 1.50 21.90
C VAL A 26 -7.35 2.35 21.20
N VAL A 27 -7.19 2.17 19.90
CA VAL A 27 -6.18 2.92 19.17
C VAL A 27 -6.46 4.42 19.31
N ILE A 28 -7.72 4.81 19.18
CA ILE A 28 -8.08 6.21 19.30
C ILE A 28 -7.73 6.76 20.69
N GLN A 29 -8.05 5.97 21.72
CA GLN A 29 -7.80 6.37 23.10
C GLN A 29 -6.29 6.45 23.39
N VAL A 30 -5.51 5.55 22.81
CA VAL A 30 -4.08 5.54 23.09
C VAL A 30 -3.41 6.73 22.39
N VAL A 31 -3.84 7.03 21.17
CA VAL A 31 -3.32 8.20 20.49
C VAL A 31 -3.68 9.48 21.25
N ASP A 32 -4.86 9.53 21.86
CA ASP A 32 -5.24 10.70 22.63
CA ASP A 32 -5.25 10.70 22.63
C ASP A 32 -4.36 10.86 23.85
N LYS A 33 -3.89 9.75 24.41
CA LYS A 33 -3.00 9.80 25.57
C LYS A 33 -1.56 10.16 25.20
N LEU A 34 -1.00 9.45 24.22
CA LEU A 34 0.40 9.57 23.90
C LEU A 34 0.71 10.68 22.90
N LYS A 35 -0.32 11.13 22.19
CA LYS A 35 -0.18 12.18 21.16
C LYS A 35 0.73 11.72 20.02
N GLY A 36 1.25 12.68 19.27
CA GLY A 36 2.24 12.41 18.23
C GLY A 36 1.68 11.97 16.88
N PHE A 37 0.38 11.71 16.81
CA PHE A 37 -0.27 11.31 15.57
C PHE A 37 -1.64 11.95 15.40
N SER A 38 -2.04 12.13 14.15
CA SER A 38 -3.44 12.36 13.80
CA SER A 38 -3.42 12.37 13.79
C SER A 38 -3.93 11.14 13.06
N ILE A 39 -5.14 10.68 13.39
CA ILE A 39 -5.70 9.50 12.75
C ILE A 39 -6.42 9.91 11.45
N ALA A 40 -6.02 9.26 10.35
CA ALA A 40 -6.59 9.53 9.03
C ALA A 40 -7.31 8.30 8.52
N PRO A 41 -8.33 8.49 7.68
CA PRO A 41 -9.08 7.33 7.19
C PRO A 41 -8.37 6.57 6.07
N ASP A 42 -7.53 7.27 5.29
CA ASP A 42 -6.85 6.66 4.15
C ASP A 42 -5.36 7.02 4.15
N VAL A 43 -4.53 6.06 3.74
CA VAL A 43 -3.11 6.35 3.58
C VAL A 43 -2.92 7.50 2.60
N CYS A 44 -2.12 8.47 3.02
CA CYS A 44 -1.79 9.62 2.18
C CYS A 44 -0.34 10.04 2.42
N GLU A 45 0.07 11.18 1.86
CA GLU A 45 1.47 11.58 1.87
CA GLU A 45 1.47 11.57 1.88
C GLU A 45 2.02 11.84 3.27
N THR A 46 1.14 12.10 4.25
CA THR A 46 1.58 12.35 5.62
C THR A 46 1.66 11.08 6.47
N THR A 47 1.22 9.95 5.92
CA THR A 47 1.09 8.73 6.71
C THR A 47 2.44 8.05 6.90
N THR A 48 2.75 7.70 8.14
CA THR A 48 3.99 7.01 8.47
C THR A 48 3.74 5.62 9.05
N HIS A 49 2.53 5.38 9.55
CA HIS A 49 2.17 4.16 10.25
C HIS A 49 0.79 3.68 9.80
N VAL A 50 0.70 2.41 9.43
CA VAL A 50 -0.56 1.75 9.13
C VAL A 50 -0.72 0.60 10.13
N LEU A 51 -1.82 0.62 10.88
CA LEU A 51 -2.06 -0.41 11.89
CA LEU A 51 -2.08 -0.40 11.90
C LEU A 51 -3.18 -1.35 11.43
N SER A 52 -2.89 -2.64 11.45
CA SER A 52 -3.84 -3.64 10.99
C SER A 52 -4.33 -4.54 12.13
N GLY A 53 -5.64 -4.76 12.19
CA GLY A 53 -6.24 -5.58 13.23
C GLY A 53 -6.26 -7.05 12.86
N LYS A 54 -6.18 -7.33 11.58
CA LYS A 54 -6.16 -8.69 11.05
C LYS A 54 -5.40 -8.56 9.74
N PRO A 55 -4.32 -9.33 9.56
CA PRO A 55 -3.40 -9.04 8.45
C PRO A 55 -3.95 -9.40 7.06
N LEU A 56 -4.78 -8.52 6.51
CA LEU A 56 -5.37 -8.72 5.20
C LEU A 56 -4.82 -7.68 4.23
N ARG A 57 -4.74 -8.04 2.96
CA ARG A 57 -4.16 -7.15 1.96
C ARG A 57 -5.20 -6.15 1.46
N THR A 58 -5.46 -5.15 2.29
CA THR A 58 -6.37 -4.07 1.93
C THR A 58 -5.64 -3.01 1.13
N LEU A 59 -6.39 -2.08 0.55
CA LEU A 59 -5.77 -0.98 -0.17
C LEU A 59 -4.91 -0.12 0.74
N ASN A 60 -5.31 0.03 2.01
CA ASN A 60 -4.51 0.81 2.93
C ASN A 60 -3.19 0.11 3.22
N VAL A 61 -3.18 -1.22 3.32
CA VAL A 61 -1.93 -1.94 3.42
C VAL A 61 -1.08 -1.72 2.17
N LEU A 62 -1.67 -1.86 1.00
CA LEU A 62 -0.93 -1.72 -0.25
C LEU A 62 -0.33 -0.32 -0.43
N LEU A 63 -1.11 0.71 -0.17
CA LEU A 63 -0.61 2.09 -0.25
C LEU A 63 0.45 2.33 0.82
N GLY A 64 0.25 1.72 1.98
CA GLY A 64 1.23 1.80 3.06
C GLY A 64 2.59 1.27 2.61
N ILE A 65 2.58 0.10 1.97
CA ILE A 65 3.82 -0.47 1.42
C ILE A 65 4.39 0.44 0.35
N ALA A 66 3.55 0.91 -0.56
CA ALA A 66 4.01 1.77 -1.65
C ALA A 66 4.71 3.03 -1.15
N ARG A 67 4.24 3.56 -0.02
CA ARG A 67 4.82 4.77 0.59
C ARG A 67 5.90 4.50 1.64
N GLY A 68 6.23 3.23 1.87
CA GLY A 68 7.26 2.89 2.83
C GLY A 68 6.89 3.16 4.28
N CYS A 69 5.61 3.03 4.58
CA CYS A 69 5.12 3.18 5.94
C CYS A 69 5.51 1.97 6.78
N TRP A 70 5.54 2.14 8.10
CA TRP A 70 5.46 1.01 9.01
C TRP A 70 4.09 0.38 8.86
N VAL A 71 4.03 -0.93 8.61
CA VAL A 71 2.77 -1.66 8.54
C VAL A 71 2.80 -2.64 9.70
N LEU A 72 1.97 -2.39 10.71
CA LEU A 72 2.17 -3.00 12.02
C LEU A 72 0.93 -3.66 12.57
N SER A 73 1.13 -4.63 13.44
CA SER A 73 0.03 -5.22 14.18
CA SER A 73 0.06 -5.23 14.20
C SER A 73 -0.47 -4.26 15.26
N TYR A 74 -1.73 -4.44 15.60
CA TYR A 74 -2.39 -3.70 16.67
C TYR A 74 -1.64 -3.81 18.00
N ASP A 75 -0.91 -4.90 18.20
CA ASP A 75 -0.21 -5.11 19.47
CA ASP A 75 -0.18 -5.12 19.44
C ASP A 75 0.83 -4.03 19.75
N TRP A 76 1.30 -3.34 18.71
CA TRP A 76 2.20 -2.20 18.88
C TRP A 76 1.57 -1.14 19.75
N VAL A 77 0.27 -0.91 19.53
CA VAL A 77 -0.47 0.06 20.32
C VAL A 77 -0.64 -0.43 21.76
N LEU A 78 -0.93 -1.71 21.95
CA LEU A 78 -1.12 -2.24 23.30
C LEU A 78 0.15 -2.11 24.14
N TRP A 79 1.30 -2.42 23.54
CA TRP A 79 2.56 -2.34 24.28
C TRP A 79 3.05 -0.91 24.45
N SER A 80 2.75 -0.05 23.49
CA SER A 80 3.08 1.37 23.62
C SER A 80 2.29 1.95 24.80
N LEU A 81 1.03 1.57 24.94
CA LEU A 81 0.24 2.01 26.09
C LEU A 81 0.85 1.51 27.39
N GLU A 82 1.15 0.22 27.44
CA GLU A 82 1.68 -0.42 28.65
C GLU A 82 2.98 0.24 29.10
N LEU A 83 3.82 0.61 28.14
CA LEU A 83 5.15 1.15 28.43
C LEU A 83 5.19 2.69 28.41
N GLY A 84 4.04 3.31 28.10
CA GLY A 84 3.88 4.74 28.25
C GLY A 84 4.50 5.62 27.19
N HIS A 85 4.84 5.03 26.04
CA HIS A 85 5.40 5.79 24.94
C HIS A 85 5.37 4.95 23.68
N TRP A 86 5.51 5.60 22.53
CA TRP A 86 5.54 4.87 21.26
C TRP A 86 6.87 4.15 21.15
N ILE A 87 6.81 2.82 21.19
CA ILE A 87 8.00 2.00 21.23
C ILE A 87 8.46 1.62 19.81
N SER A 88 9.59 0.93 19.74
CA SER A 88 10.11 0.45 18.47
C SER A 88 9.04 -0.31 17.68
N GLU A 89 8.95 0.03 16.39
CA GLU A 89 7.93 -0.53 15.51
C GLU A 89 8.30 -1.91 14.98
N GLU A 90 9.59 -2.14 14.75
CA GLU A 90 10.01 -3.32 13.99
C GLU A 90 9.52 -4.67 14.55
N PRO A 91 9.48 -4.84 15.88
CA PRO A 91 8.99 -6.13 16.41
C PRO A 91 7.53 -6.43 16.05
N PHE A 92 6.80 -5.43 15.57
CA PHE A 92 5.38 -5.56 15.26
C PHE A 92 5.09 -5.43 13.77
N GLU A 93 6.14 -5.34 12.96
CA GLU A 93 5.99 -5.15 11.52
C GLU A 93 5.54 -6.45 10.85
N LEU A 94 4.56 -6.34 9.96
CA LEU A 94 3.86 -7.50 9.41
C LEU A 94 4.57 -8.04 8.16
N SER A 95 5.84 -8.36 8.34
CA SER A 95 6.72 -8.78 7.26
CA SER A 95 6.71 -8.78 7.24
C SER A 95 6.45 -10.21 6.80
N HIS A 96 5.82 -11.01 7.67
CA HIS A 96 5.50 -12.38 7.29
C HIS A 96 4.41 -12.40 6.24
N HIS A 97 3.39 -11.55 6.41
CA HIS A 97 2.30 -11.45 5.45
C HIS A 97 2.63 -10.58 4.25
N PHE A 98 3.45 -9.57 4.47
CA PHE A 98 3.76 -8.58 3.43
C PHE A 98 5.27 -8.39 3.35
N PRO A 99 5.95 -9.25 2.58
CA PRO A 99 7.41 -9.22 2.57
C PRO A 99 7.99 -7.86 2.17
N ALA A 100 7.30 -7.12 1.32
CA ALA A 100 7.81 -5.84 0.85
C ALA A 100 7.76 -4.77 1.93
N ALA A 101 6.95 -4.95 2.96
CA ALA A 101 6.75 -3.88 3.92
C ALA A 101 8.06 -3.39 4.54
N PRO A 102 8.88 -4.30 5.11
CA PRO A 102 10.14 -3.83 5.70
C PRO A 102 11.14 -3.29 4.68
N LEU A 103 11.02 -3.77 3.44
CA LEU A 103 11.96 -3.39 2.39
C LEU A 103 11.69 -1.96 1.92
N CYS A 104 10.43 -1.64 1.68
CA CYS A 104 10.06 -0.28 1.31
C CYS A 104 10.22 0.66 2.49
N ARG A 105 9.86 0.21 3.69
CA ARG A 105 10.04 1.04 4.88
C ARG A 105 11.50 1.43 5.07
N SER A 106 12.40 0.47 4.93
CA SER A 106 13.82 0.74 5.04
C SER A 106 14.30 1.71 3.95
N GLU A 107 13.88 1.47 2.71
CA GLU A 107 14.23 2.34 1.59
C GLU A 107 13.78 3.77 1.88
N CYS A 108 12.56 3.90 2.38
CA CYS A 108 11.99 5.21 2.63
C CYS A 108 12.76 5.98 3.68
N HIS A 109 13.08 5.31 4.78
CA HIS A 109 13.77 5.97 5.89
C HIS A 109 15.20 6.37 5.52
N LEU A 110 15.77 5.71 4.52
CA LEU A 110 17.13 6.02 4.07
C LEU A 110 17.15 7.05 2.95
N SER A 111 15.99 7.38 2.41
CA SER A 111 15.91 8.28 1.28
C SER A 111 16.26 9.71 1.70
N ALA A 112 17.12 10.36 0.90
CA ALA A 112 17.49 11.74 1.13
C ALA A 112 16.29 12.62 0.84
N GLY A 113 15.98 12.75 -0.46
CA GLY A 113 14.78 13.44 -0.88
C GLY A 113 13.57 12.59 -0.58
N PRO A 114 12.37 13.12 -0.89
CA PRO A 114 11.12 12.38 -0.71
C PRO A 114 11.21 10.98 -1.31
N TYR A 115 10.73 9.97 -0.60
CA TYR A 115 10.83 8.60 -1.08
C TYR A 115 9.88 8.35 -2.23
N ARG A 116 10.37 7.66 -3.26
CA ARG A 116 9.50 7.05 -4.27
C ARG A 116 10.11 5.72 -4.70
N GLY A 117 9.31 4.68 -4.70
CA GLY A 117 9.78 3.35 -5.05
C GLY A 117 10.20 3.25 -6.49
N THR A 118 10.99 2.23 -6.81
CA THR A 118 11.48 2.04 -8.17
C THR A 118 11.14 0.66 -8.73
N LEU A 119 10.25 -0.05 -8.06
CA LEU A 119 9.84 -1.39 -8.47
C LEU A 119 9.51 -1.50 -9.97
N PHE A 120 8.71 -0.56 -10.47
CA PHE A 120 8.24 -0.60 -11.85
C PHE A 120 9.02 0.33 -12.78
N ALA A 121 10.15 0.84 -12.32
CA ALA A 121 10.88 1.86 -13.08
C ALA A 121 11.33 1.40 -14.46
N ASP A 122 11.54 0.10 -14.63
CA ASP A 122 12.00 -0.45 -15.91
C ASP A 122 10.88 -1.06 -16.75
N GLN A 123 9.64 -0.89 -16.30
CA GLN A 123 8.50 -1.42 -17.04
C GLN A 123 8.09 -0.45 -18.13
N PRO A 124 7.46 -0.96 -19.20
CA PRO A 124 6.91 -0.04 -20.19
C PRO A 124 5.70 0.74 -19.67
N VAL A 125 5.25 1.69 -20.47
CA VAL A 125 4.07 2.49 -20.15
C VAL A 125 2.84 1.59 -19.99
N MET A 126 2.06 1.84 -18.94
CA MET A 126 0.86 1.07 -18.66
C MET A 126 -0.38 1.91 -18.87
N PHE A 127 -1.50 1.25 -19.13
CA PHE A 127 -2.82 1.88 -19.11
C PHE A 127 -3.67 1.02 -18.19
N VAL A 128 -4.36 1.65 -17.25
CA VAL A 128 -5.21 0.93 -16.32
C VAL A 128 -6.67 1.10 -16.72
N SER A 129 -7.36 -0.02 -16.90
CA SER A 129 -8.77 -0.02 -17.24
C SER A 129 -9.59 0.85 -16.31
N PRO A 130 -10.53 1.64 -16.86
CA PRO A 130 -11.42 2.37 -15.96
C PRO A 130 -12.26 1.44 -15.08
N ALA A 131 -12.46 0.21 -15.54
CA ALA A 131 -13.28 -0.77 -14.81
C ALA A 131 -12.48 -1.67 -13.87
N SER A 132 -11.25 -1.25 -13.53
CA SER A 132 -10.37 -2.10 -12.73
C SER A 132 -10.90 -2.31 -11.32
N SER A 133 -10.51 -3.45 -10.75
CA SER A 133 -10.72 -3.80 -9.34
C SER A 133 -9.38 -4.27 -8.82
N PRO A 134 -8.78 -3.51 -7.88
CA PRO A 134 -9.29 -2.33 -7.18
C PRO A 134 -9.50 -1.09 -8.06
N PRO A 135 -10.20 -0.07 -7.55
CA PRO A 135 -10.62 1.08 -8.35
C PRO A 135 -9.47 1.77 -9.04
N VAL A 136 -9.73 2.25 -10.25
CA VAL A 136 -8.69 2.71 -11.15
C VAL A 136 -7.81 3.80 -10.54
N ALA A 137 -8.42 4.76 -9.84
CA ALA A 137 -7.63 5.87 -9.28
C ALA A 137 -6.61 5.37 -8.26
N LYS A 138 -7.02 4.41 -7.44
CA LYS A 138 -6.15 3.86 -6.41
C LYS A 138 -5.07 2.99 -7.04
N LEU A 139 -5.45 2.25 -8.08
CA LEU A 139 -4.52 1.37 -8.76
C LEU A 139 -3.44 2.18 -9.51
N CYS A 140 -3.86 3.26 -10.16
CA CYS A 140 -2.92 4.16 -10.80
C CYS A 140 -1.97 4.77 -9.77
N GLU A 141 -2.50 5.16 -8.61
CA GLU A 141 -1.69 5.71 -7.53
C GLU A 141 -0.61 4.71 -7.11
N LEU A 142 -1.01 3.46 -6.91
CA LEU A 142 -0.05 2.41 -6.55
C LEU A 142 1.06 2.26 -7.58
N VAL A 143 0.71 2.24 -8.85
CA VAL A 143 1.72 2.10 -9.90
C VAL A 143 2.68 3.29 -9.87
N HIS A 144 2.14 4.50 -9.80
CA HIS A 144 2.95 5.72 -9.77
C HIS A 144 3.89 5.74 -8.56
N LEU A 145 3.36 5.43 -7.38
CA LEU A 145 4.16 5.46 -6.16
C LEU A 145 5.31 4.45 -6.21
N CYS A 146 5.15 3.40 -6.99
CA CYS A 146 6.17 2.36 -7.07
C CYS A 146 7.02 2.48 -8.33
N GLY A 147 6.99 3.67 -8.95
CA GLY A 147 7.94 4.00 -10.01
C GLY A 147 7.49 3.73 -11.43
N GLY A 148 6.23 3.36 -11.60
CA GLY A 148 5.69 3.08 -12.92
C GLY A 148 5.13 4.30 -13.63
N ARG A 149 4.85 4.12 -14.91
CA ARG A 149 4.34 5.19 -15.76
C ARG A 149 2.96 4.79 -16.27
N VAL A 150 1.96 5.59 -15.94
CA VAL A 150 0.60 5.30 -16.36
C VAL A 150 0.08 6.37 -17.31
N SER A 151 -0.29 5.95 -18.52
CA SER A 151 -0.88 6.88 -19.49
C SER A 151 -2.40 6.89 -19.33
N GLN A 152 -3.01 8.04 -19.63
CA GLN A 152 -4.46 8.20 -19.56
CA GLN A 152 -4.46 8.13 -19.53
C GLN A 152 -5.15 7.57 -20.78
N VAL A 153 -4.36 7.17 -21.77
CA VAL A 153 -4.91 6.54 -22.97
C VAL A 153 -4.13 5.27 -23.33
N PRO A 154 -4.80 4.29 -23.99
CA PRO A 154 -4.12 3.02 -24.29
C PRO A 154 -3.14 3.09 -25.44
N ARG A 155 -3.26 4.09 -26.31
CA ARG A 155 -2.48 4.15 -27.54
C ARG A 155 -0.99 3.97 -27.30
N GLN A 156 -0.50 4.52 -26.19
CA GLN A 156 0.93 4.57 -25.91
C GLN A 156 1.41 3.45 -25.00
N ALA A 157 0.49 2.61 -24.54
CA ALA A 157 0.83 1.63 -23.51
C ALA A 157 1.17 0.26 -24.09
N SER A 158 2.18 -0.38 -23.51
CA SER A 158 2.54 -1.74 -23.89
C SER A 158 1.96 -2.77 -22.91
N ILE A 159 1.39 -2.29 -21.81
CA ILE A 159 0.73 -3.13 -20.82
C ILE A 159 -0.61 -2.49 -20.51
N VAL A 160 -1.67 -3.28 -20.59
CA VAL A 160 -3.00 -2.84 -20.20
C VAL A 160 -3.45 -3.70 -19.02
N ILE A 161 -3.89 -3.04 -17.95
CA ILE A 161 -4.22 -3.69 -16.69
C ILE A 161 -5.74 -3.64 -16.46
N GLY A 162 -6.37 -4.78 -16.25
CA GLY A 162 -7.79 -4.82 -15.92
C GLY A 162 -8.70 -5.02 -17.12
N PRO A 163 -10.02 -4.96 -16.89
CA PRO A 163 -11.00 -5.30 -17.94
C PRO A 163 -10.83 -4.47 -19.20
N TYR A 164 -10.74 -5.14 -20.34
CA TYR A 164 -10.55 -4.44 -21.60
C TYR A 164 -11.28 -5.20 -22.70
N SER A 165 -12.36 -4.61 -23.20
CA SER A 165 -13.14 -5.23 -24.26
C SER A 165 -12.91 -4.57 -25.61
N GLY A 166 -12.04 -3.57 -25.64
CA GLY A 166 -11.71 -2.90 -26.88
C GLY A 166 -10.82 -3.77 -27.75
N LYS A 167 -10.47 -3.25 -28.93
CA LYS A 167 -9.59 -3.95 -29.87
CA LYS A 167 -9.62 -3.99 -29.86
C LYS A 167 -8.24 -4.22 -29.25
N LYS A 168 -7.84 -5.49 -29.22
CA LYS A 168 -6.56 -5.85 -28.66
C LYS A 168 -5.50 -6.00 -29.74
N LYS A 169 -4.25 -5.73 -29.36
CA LYS A 169 -3.13 -5.73 -30.28
C LYS A 169 -2.07 -6.72 -29.84
N ALA A 170 -1.34 -7.25 -30.81
CA ALA A 170 -0.27 -8.22 -30.58
C ALA A 170 0.91 -7.59 -29.87
N THR A 171 0.97 -6.27 -29.92
CA THR A 171 2.06 -5.50 -29.34
C THR A 171 1.83 -5.12 -27.88
N VAL A 172 0.77 -5.64 -27.27
CA VAL A 172 0.37 -5.26 -25.91
C VAL A 172 0.11 -6.49 -25.06
N LYS A 173 0.49 -6.42 -23.78
CA LYS A 173 0.17 -7.45 -22.80
C LYS A 173 -1.04 -7.03 -22.02
N TYR A 174 -2.03 -7.91 -21.92
CA TYR A 174 -3.26 -7.62 -21.20
C TYR A 174 -3.28 -8.43 -19.92
N LEU A 175 -3.03 -7.74 -18.81
CA LEU A 175 -2.80 -8.40 -17.54
C LEU A 175 -3.87 -8.04 -16.51
N SER A 176 -4.00 -8.87 -15.49
CA SER A 176 -4.90 -8.59 -14.38
C SER A 176 -4.26 -7.62 -13.40
N GLU A 177 -5.14 -7.01 -12.60
CA GLU A 177 -4.75 -6.05 -11.60
C GLU A 177 -3.82 -6.71 -10.58
N LYS A 178 -4.02 -7.99 -10.35
CA LYS A 178 -3.21 -8.72 -9.38
C LYS A 178 -1.72 -8.76 -9.73
N TRP A 179 -1.37 -8.60 -10.99
CA TRP A 179 0.04 -8.53 -11.36
C TRP A 179 0.70 -7.36 -10.63
N VAL A 180 0.02 -6.22 -10.62
CA VAL A 180 0.51 -5.05 -9.92
C VAL A 180 0.57 -5.32 -8.42
N LEU A 181 -0.50 -5.85 -7.86
CA LEU A 181 -0.59 -5.99 -6.40
C LEU A 181 0.39 -7.01 -5.85
N ASP A 182 0.51 -8.15 -6.51
CA ASP A 182 1.44 -9.19 -6.07
C ASP A 182 2.89 -8.68 -6.17
N SER A 183 3.18 -7.94 -7.24
CA SER A 183 4.52 -7.36 -7.41
C SER A 183 4.86 -6.43 -6.25
N ILE A 184 3.92 -5.56 -5.90
CA ILE A 184 4.13 -4.63 -4.80
C ILE A 184 4.34 -5.38 -3.49
N THR A 185 3.54 -6.41 -3.26
CA THR A 185 3.59 -7.17 -2.00
C THR A 185 4.90 -7.94 -1.83
N GLN A 186 5.45 -8.42 -2.94
CA GLN A 186 6.67 -9.22 -2.93
C GLN A 186 7.94 -8.41 -3.18
N HIS A 187 7.79 -7.14 -3.55
CA HIS A 187 8.93 -6.28 -3.88
C HIS A 187 9.72 -6.84 -5.06
N LYS A 188 9.01 -7.42 -6.01
CA LYS A 188 9.62 -7.89 -7.23
C LYS A 188 8.58 -7.91 -8.34
N VAL A 189 9.00 -7.68 -9.57
CA VAL A 189 8.06 -7.74 -10.67
C VAL A 189 7.74 -9.19 -10.98
N CYS A 190 6.50 -9.56 -10.72
CA CYS A 190 6.06 -10.94 -10.92
C CYS A 190 5.98 -11.25 -12.42
N ALA A 191 5.99 -12.54 -12.76
CA ALA A 191 5.96 -12.93 -14.16
C ALA A 191 4.60 -12.58 -14.77
N PRO A 192 4.60 -11.75 -15.82
CA PRO A 192 3.33 -11.32 -16.44
C PRO A 192 2.46 -12.49 -16.92
N GLU A 193 3.07 -13.57 -17.37
CA GLU A 193 2.31 -14.69 -17.92
C GLU A 193 1.46 -15.39 -16.86
N ASN A 194 1.76 -15.15 -15.59
CA ASN A 194 0.93 -15.70 -14.50
C ASN A 194 -0.34 -14.89 -14.30
N TYR A 195 -0.50 -13.82 -15.06
CA TYR A 195 -1.59 -12.86 -14.84
C TYR A 195 -2.29 -12.45 -16.14
N LEU A 196 -2.30 -13.34 -17.13
CA LEU A 196 -2.97 -13.04 -18.39
C LEU A 196 -4.48 -12.92 -18.20
N LEU A 197 -5.08 -11.86 -18.75
CA LEU A 197 -6.50 -11.59 -18.55
C LEU A 197 -7.27 -11.61 -19.87
N SER A 198 -8.18 -12.56 -20.01
CA SER A 198 -9.03 -12.67 -21.20
C SER A 198 -10.39 -12.02 -20.96
N GLN B 2 -12.16 -3.86 1.62
CA GLN B 2 -11.96 -4.99 0.73
C GLN B 2 -10.54 -5.49 0.76
N GLU B 3 -10.40 -6.80 0.74
CA GLU B 3 -9.12 -7.46 0.56
C GLU B 3 -8.91 -7.68 -0.93
#